data_2PIU
#
_entry.id   2PIU
#
_cell.length_a   56.180
_cell.length_b   66.070
_cell.length_c   72.750
_cell.angle_alpha   90.00
_cell.angle_beta   90.00
_cell.angle_gamma   90.00
#
_symmetry.space_group_name_H-M   'P 21 21 21'
#
loop_
_entity.id
_entity.type
_entity.pdbx_description
1 polymer 'Androgen receptor'
2 non-polymer 5-ALPHA-DIHYDROTESTOSTERONE
3 non-polymer '[4-(4-HYDROXY-3-IODO-PHENOXY)-3,5-DIIODO-PHENYL]-ACETIC ACID'
4 water water
#
_entity_poly.entity_id   1
_entity_poly.type   'polypeptide(L)'
_entity_poly.pdbx_seq_one_letter_code
;CQPIFLNVLEAIEPGVVCAGHDNNQPDSFAALLSSLNELGERQLVHVVKWAKALPGFRNLHVDDQMAVIQYSWMGLMVFA
MGWRSFTNVNSRMLYFAPDLVFNEYRMHKSRMYSQCVRMRHLSQEFGWLQITPQEFLCMKALLLFSIIPVDGLKNQKFFD
ELRMNYIKELDRIIACKRKNPTSCSRRFYQLTKLLDSVQPIARELHQFTFDLLIKSHMVSVDFPEMMAEIISVQVPKILS
GKVKPIYFHTQ
;
_entity_poly.pdbx_strand_id   A
#
loop_
_chem_comp.id
_chem_comp.type
_chem_comp.name
_chem_comp.formula
4HY non-polymer '[4-(4-HYDROXY-3-IODO-PHENOXY)-3,5-DIIODO-PHENYL]-ACETIC ACID' 'C14 H9 I3 O4'
DHT non-polymer 5-ALPHA-DIHYDROTESTOSTERONE 'C19 H30 O2'
#
# COMPACT_ATOMS: atom_id res chain seq x y z
N PRO A 3 17.64 -10.90 -12.91
CA PRO A 3 18.20 -9.93 -13.88
C PRO A 3 18.16 -8.50 -13.35
N ILE A 4 18.40 -7.56 -14.24
CA ILE A 4 18.43 -6.14 -13.90
C ILE A 4 17.22 -5.63 -13.12
N PHE A 5 16.01 -5.88 -13.63
CA PHE A 5 14.80 -5.42 -12.97
C PHE A 5 14.72 -5.80 -11.49
N LEU A 6 14.92 -7.08 -11.20
CA LEU A 6 14.87 -7.56 -9.83
C LEU A 6 15.95 -6.97 -8.96
N ASN A 7 17.17 -6.83 -9.49
CA ASN A 7 18.23 -6.24 -8.70
C ASN A 7 17.82 -4.86 -8.24
N VAL A 8 17.19 -4.10 -9.13
CA VAL A 8 16.76 -2.75 -8.79
C VAL A 8 15.67 -2.77 -7.70
N LEU A 9 14.61 -3.53 -7.92
CA LEU A 9 13.56 -3.60 -6.93
C LEU A 9 14.08 -3.97 -5.55
N GLU A 10 15.00 -4.92 -5.50
CA GLU A 10 15.55 -5.35 -4.22
C GLU A 10 16.42 -4.25 -3.60
N ALA A 11 17.20 -3.57 -4.45
CA ALA A 11 18.07 -2.51 -3.96
C ALA A 11 17.34 -1.29 -3.39
N ILE A 12 16.28 -0.86 -4.07
CA ILE A 12 15.54 0.33 -3.62
C ILE A 12 14.49 0.08 -2.53
N GLU A 13 14.29 -1.18 -2.15
CA GLU A 13 13.30 -1.49 -1.13
C GLU A 13 13.66 -0.77 0.17
N PRO A 14 12.70 -0.07 0.77
CA PRO A 14 12.94 0.65 2.02
C PRO A 14 13.21 -0.26 3.20
N GLY A 15 14.03 0.22 4.13
CA GLY A 15 14.34 -0.56 5.31
C GLY A 15 13.26 -0.38 6.37
N VAL A 16 13.65 -0.53 7.63
CA VAL A 16 12.74 -0.40 8.75
C VAL A 16 12.38 1.06 9.05
N VAL A 17 11.12 1.32 9.35
CA VAL A 17 10.66 2.67 9.67
C VAL A 17 9.88 2.64 10.97
N CYS A 18 10.38 3.33 11.99
CA CYS A 18 9.70 3.34 13.29
C CYS A 18 8.56 4.35 13.28
N ALA A 19 7.61 4.17 14.19
CA ALA A 19 6.46 5.06 14.28
C ALA A 19 6.73 6.20 15.27
N GLY A 20 7.57 5.92 16.27
CA GLY A 20 7.88 6.91 17.27
C GLY A 20 6.90 6.83 18.43
N HIS A 21 6.08 5.78 18.43
CA HIS A 21 5.07 5.57 19.46
C HIS A 21 5.67 5.21 20.82
N ASP A 22 5.12 5.79 21.87
CA ASP A 22 5.57 5.52 23.23
C ASP A 22 4.74 4.37 23.76
N ASN A 23 5.29 3.16 23.70
CA ASN A 23 4.58 1.99 24.19
C ASN A 23 4.42 1.98 25.71
N ASN A 24 5.03 2.94 26.40
CA ASN A 24 4.91 2.98 27.85
C ASN A 24 3.68 3.77 28.27
N GLN A 25 2.85 4.11 27.29
CA GLN A 25 1.61 4.84 27.54
C GLN A 25 0.44 3.90 27.24
N PRO A 26 -0.73 4.18 27.82
CA PRO A 26 -1.91 3.34 27.59
C PRO A 26 -2.37 3.34 26.13
N ASP A 27 -2.94 2.23 25.69
CA ASP A 27 -3.42 2.09 24.31
C ASP A 27 -4.75 2.77 24.10
N SER A 28 -4.75 4.10 24.00
CA SER A 28 -6.01 4.81 23.77
C SER A 28 -6.16 5.10 22.28
N PHE A 29 -7.40 5.34 21.86
CA PHE A 29 -7.68 5.66 20.47
C PHE A 29 -6.80 6.82 20.00
N ALA A 30 -6.86 7.94 20.73
CA ALA A 30 -6.09 9.13 20.37
C ALA A 30 -4.60 8.87 20.11
N ALA A 31 -3.94 8.21 21.04
CA ALA A 31 -2.51 7.94 20.90
C ALA A 31 -2.20 6.95 19.78
N LEU A 32 -2.97 5.87 19.70
CA LEU A 32 -2.74 4.88 18.66
C LEU A 32 -2.83 5.47 17.25
N LEU A 33 -3.92 6.17 16.98
CA LEU A 33 -4.11 6.77 15.66
C LEU A 33 -3.12 7.89 15.37
N SER A 34 -2.77 8.66 16.40
CA SER A 34 -1.80 9.73 16.21
C SER A 34 -0.46 9.11 15.79
N SER A 35 -0.15 7.93 16.35
CA SER A 35 1.10 7.25 16.01
C SER A 35 0.99 6.62 14.63
N LEU A 36 -0.20 6.13 14.29
CA LEU A 36 -0.42 5.56 12.98
C LEU A 36 -0.22 6.65 11.94
N ASN A 37 -0.68 7.86 12.26
CA ASN A 37 -0.55 8.99 11.35
C ASN A 37 0.89 9.46 11.21
N GLU A 38 1.63 9.46 12.31
CA GLU A 38 3.04 9.86 12.29
C GLU A 38 3.78 8.86 11.44
N LEU A 39 3.41 7.59 11.57
CA LEU A 39 4.04 6.52 10.81
C LEU A 39 3.70 6.70 9.33
N GLY A 40 2.48 7.16 9.06
CA GLY A 40 2.07 7.37 7.69
C GLY A 40 2.93 8.47 7.11
N GLU A 41 3.06 9.56 7.87
CA GLU A 41 3.86 10.69 7.44
C GLU A 41 5.27 10.23 7.13
N ARG A 42 5.85 9.43 8.03
CA ARG A 42 7.20 8.92 7.86
C ARG A 42 7.36 7.99 6.66
N GLN A 43 6.39 7.09 6.48
CA GLN A 43 6.46 6.19 5.35
C GLN A 43 6.27 6.94 4.04
N LEU A 44 5.57 8.07 4.08
CA LEU A 44 5.36 8.84 2.85
C LEU A 44 6.69 9.27 2.24
N VAL A 45 7.63 9.68 3.10
CA VAL A 45 8.93 10.11 2.63
C VAL A 45 9.65 8.99 1.89
N HIS A 46 9.65 7.79 2.45
CA HIS A 46 10.32 6.66 1.82
C HIS A 46 9.61 6.23 0.55
N VAL A 47 8.29 6.37 0.52
CA VAL A 47 7.53 5.99 -0.67
C VAL A 47 7.91 6.92 -1.83
N VAL A 48 8.02 8.22 -1.55
CA VAL A 48 8.40 9.16 -2.61
C VAL A 48 9.78 8.79 -3.18
N LYS A 49 10.75 8.56 -2.31
CA LYS A 49 12.10 8.20 -2.74
C LYS A 49 12.14 6.87 -3.48
N TRP A 50 11.44 5.89 -2.94
CA TRP A 50 11.33 4.56 -3.54
C TRP A 50 10.74 4.71 -4.93
N ALA A 51 9.60 5.38 -5.02
CA ALA A 51 8.93 5.56 -6.30
C ALA A 51 9.84 6.19 -7.35
N LYS A 52 10.48 7.30 -6.99
CA LYS A 52 11.38 7.98 -7.92
C LYS A 52 12.62 7.15 -8.26
N ALA A 53 12.80 6.02 -7.59
CA ALA A 53 13.95 5.15 -7.85
C ALA A 53 13.53 4.01 -8.77
N LEU A 54 12.23 3.89 -9.01
CA LEU A 54 11.70 2.84 -9.87
C LEU A 54 11.99 3.12 -11.33
N PRO A 55 12.31 2.06 -12.10
CA PRO A 55 12.61 2.22 -13.53
C PRO A 55 11.47 2.94 -14.25
N GLY A 56 11.83 3.98 -15.00
CA GLY A 56 10.85 4.73 -15.78
C GLY A 56 9.94 5.73 -15.10
N PHE A 57 9.82 5.67 -13.78
CA PHE A 57 8.95 6.58 -13.05
C PHE A 57 9.28 8.05 -13.32
N ARG A 58 10.56 8.40 -13.21
CA ARG A 58 10.98 9.79 -13.44
C ARG A 58 10.66 10.29 -14.85
N ASN A 59 10.23 9.41 -15.75
CA ASN A 59 9.89 9.85 -17.09
C ASN A 59 8.44 10.29 -17.21
N LEU A 60 7.64 10.04 -16.17
CA LEU A 60 6.24 10.45 -16.18
C LEU A 60 6.25 11.95 -15.94
N HIS A 61 5.21 12.64 -16.37
CA HIS A 61 5.15 14.07 -16.13
C HIS A 61 5.26 14.25 -14.62
N VAL A 62 5.92 15.32 -14.19
CA VAL A 62 6.10 15.57 -12.76
C VAL A 62 4.80 15.58 -11.97
N ASP A 63 3.79 16.27 -12.47
CA ASP A 63 2.50 16.35 -11.80
C ASP A 63 1.87 14.97 -11.65
N ASP A 64 2.10 14.10 -12.63
CA ASP A 64 1.54 12.75 -12.58
C ASP A 64 2.29 11.92 -11.54
N GLN A 65 3.58 12.21 -11.36
CA GLN A 65 4.37 11.48 -10.38
C GLN A 65 3.81 11.71 -8.98
N MET A 66 3.51 12.96 -8.67
CA MET A 66 2.96 13.32 -7.37
C MET A 66 1.52 12.80 -7.29
N ALA A 67 0.81 12.86 -8.41
CA ALA A 67 -0.57 12.39 -8.47
C ALA A 67 -0.69 10.92 -8.08
N VAL A 68 0.06 10.05 -8.76
CA VAL A 68 -0.01 8.62 -8.49
C VAL A 68 0.42 8.23 -7.06
N ILE A 69 1.41 8.94 -6.53
CA ILE A 69 1.89 8.67 -5.18
C ILE A 69 0.80 9.06 -4.17
N GLN A 70 0.20 10.23 -4.39
CA GLN A 70 -0.85 10.71 -3.50
C GLN A 70 -2.12 9.87 -3.50
N TYR A 71 -2.39 9.16 -4.60
CA TYR A 71 -3.57 8.31 -4.66
C TYR A 71 -3.30 6.88 -4.22
N SER A 72 -2.07 6.42 -4.41
CA SER A 72 -1.74 5.03 -4.10
C SER A 72 -0.97 4.71 -2.83
N TRP A 73 -0.57 5.70 -2.06
CA TRP A 73 0.19 5.40 -0.85
C TRP A 73 -0.51 4.44 0.13
N MET A 74 -1.82 4.57 0.28
CA MET A 74 -2.53 3.71 1.23
C MET A 74 -2.39 2.25 0.83
N GLY A 75 -2.67 1.95 -0.44
CA GLY A 75 -2.55 0.58 -0.92
C GLY A 75 -1.13 0.08 -0.79
N LEU A 76 -0.18 0.93 -1.19
CA LEU A 76 1.24 0.57 -1.10
C LEU A 76 1.66 0.21 0.33
N MET A 77 1.34 1.07 1.29
CA MET A 77 1.71 0.83 2.69
C MET A 77 0.96 -0.36 3.31
N VAL A 78 -0.30 -0.53 2.95
CA VAL A 78 -1.07 -1.64 3.48
C VAL A 78 -0.45 -2.96 3.02
N PHE A 79 -0.11 -3.02 1.74
CA PHE A 79 0.49 -4.21 1.14
C PHE A 79 1.82 -4.53 1.83
N ALA A 80 2.72 -3.55 1.88
CA ALA A 80 4.01 -3.72 2.51
C ALA A 80 3.82 -4.19 3.96
N MET A 81 2.88 -3.58 4.66
CA MET A 81 2.62 -3.96 6.04
C MET A 81 2.21 -5.42 6.13
N GLY A 82 1.24 -5.83 5.31
CA GLY A 82 0.79 -7.20 5.30
C GLY A 82 1.95 -8.16 5.15
N TRP A 83 2.88 -7.80 4.27
CA TRP A 83 4.06 -8.62 4.03
C TRP A 83 4.96 -8.65 5.27
N ARG A 84 5.18 -7.47 5.86
CA ARG A 84 6.00 -7.38 7.06
C ARG A 84 5.41 -8.27 8.13
N SER A 85 4.08 -8.22 8.22
CA SER A 85 3.35 -9.00 9.21
C SER A 85 3.54 -10.49 9.02
N PHE A 86 3.55 -10.91 7.76
CA PHE A 86 3.73 -12.31 7.43
C PHE A 86 5.15 -12.80 7.79
N THR A 87 6.16 -12.03 7.38
CA THR A 87 7.55 -12.39 7.64
C THR A 87 7.99 -12.19 9.10
N ASN A 88 7.46 -11.17 9.76
CA ASN A 88 7.86 -10.92 11.16
C ASN A 88 7.15 -11.75 12.22
N VAL A 89 5.81 -11.74 12.19
CA VAL A 89 5.06 -12.50 13.18
C VAL A 89 4.08 -13.48 12.56
N ASN A 90 4.45 -14.02 11.40
CA ASN A 90 3.64 -14.98 10.67
C ASN A 90 2.18 -14.56 10.55
N SER A 91 1.95 -13.25 10.40
CA SER A 91 0.60 -12.71 10.25
C SER A 91 -0.28 -12.83 11.49
N ARG A 92 0.34 -13.03 12.66
CA ARG A 92 -0.40 -13.16 13.90
C ARG A 92 -0.88 -11.82 14.42
N MET A 93 -0.21 -10.75 13.99
CA MET A 93 -0.57 -9.40 14.40
C MET A 93 -0.20 -8.45 13.28
N LEU A 94 -0.73 -7.23 13.32
CA LEU A 94 -0.40 -6.26 12.28
C LEU A 94 0.89 -5.59 12.69
N TYR A 95 1.95 -5.88 11.93
CA TYR A 95 3.28 -5.34 12.19
C TYR A 95 3.50 -4.02 11.46
N PHE A 96 2.82 -2.98 11.91
CA PHE A 96 2.92 -1.64 11.31
C PHE A 96 4.37 -1.17 11.37
N ALA A 97 4.96 -1.30 12.55
CA ALA A 97 6.35 -0.90 12.79
C ALA A 97 6.88 -1.67 13.99
N PRO A 98 8.21 -1.75 14.14
CA PRO A 98 8.80 -2.48 15.27
C PRO A 98 8.22 -1.98 16.57
N ASP A 99 7.98 -0.67 16.63
CA ASP A 99 7.42 -0.06 17.83
C ASP A 99 5.90 0.11 17.76
N LEU A 100 5.27 -0.48 16.75
CA LEU A 100 3.82 -0.37 16.63
C LEU A 100 3.15 -1.63 16.09
N VAL A 101 3.11 -2.67 16.92
CA VAL A 101 2.51 -3.94 16.55
C VAL A 101 1.14 -4.01 17.21
N PHE A 102 0.10 -4.22 16.40
CA PHE A 102 -1.25 -4.30 16.91
C PHE A 102 -1.66 -5.72 17.28
N ASN A 103 -2.17 -5.87 18.50
CA ASN A 103 -2.67 -7.17 18.93
C ASN A 103 -4.19 -7.00 18.90
N GLU A 104 -4.92 -8.02 19.34
CA GLU A 104 -6.38 -7.96 19.35
C GLU A 104 -6.84 -6.70 20.08
N TYR A 105 -6.31 -6.48 21.28
CA TYR A 105 -6.71 -5.34 22.06
C TYR A 105 -6.57 -4.02 21.30
N ARG A 106 -5.40 -3.78 20.71
CA ARG A 106 -5.18 -2.55 19.97
C ARG A 106 -6.08 -2.42 18.74
N MET A 107 -6.37 -3.55 18.09
CA MET A 107 -7.23 -3.52 16.92
C MET A 107 -8.58 -2.93 17.34
N HIS A 108 -9.05 -3.35 18.50
CA HIS A 108 -10.32 -2.87 19.02
C HIS A 108 -10.23 -1.41 19.48
N LYS A 109 -9.16 -1.08 20.20
CA LYS A 109 -8.96 0.27 20.70
C LYS A 109 -8.87 1.31 19.57
N SER A 110 -8.30 0.90 18.45
CA SER A 110 -8.13 1.78 17.29
C SER A 110 -9.46 2.12 16.61
N ARG A 111 -10.52 1.42 16.99
CA ARG A 111 -11.85 1.65 16.41
C ARG A 111 -11.96 1.30 14.94
N MET A 112 -11.05 0.46 14.46
CA MET A 112 -11.07 0.01 13.06
C MET A 112 -10.79 -1.49 13.06
N TYR A 113 -11.43 -2.19 14.01
CA TYR A 113 -11.26 -3.63 14.17
C TYR A 113 -11.52 -4.46 12.94
N SER A 114 -12.65 -4.26 12.26
CA SER A 114 -12.93 -5.04 11.08
C SER A 114 -11.96 -4.77 9.94
N GLN A 115 -11.51 -3.52 9.80
CA GLN A 115 -10.55 -3.22 8.75
C GLN A 115 -9.24 -3.93 9.05
N CYS A 116 -8.87 -3.96 10.33
CA CYS A 116 -7.63 -4.64 10.72
C CYS A 116 -7.75 -6.11 10.39
N VAL A 117 -8.95 -6.65 10.54
CA VAL A 117 -9.21 -8.04 10.25
C VAL A 117 -8.98 -8.28 8.76
N ARG A 118 -9.50 -7.37 7.94
CA ARG A 118 -9.33 -7.50 6.50
C ARG A 118 -7.83 -7.46 6.19
N MET A 119 -7.12 -6.60 6.90
CA MET A 119 -5.67 -6.47 6.72
C MET A 119 -4.91 -7.72 7.13
N ARG A 120 -5.35 -8.38 8.20
CA ARG A 120 -4.69 -9.60 8.62
C ARG A 120 -4.97 -10.69 7.59
N HIS A 121 -6.18 -10.70 7.04
CA HIS A 121 -6.54 -11.69 6.02
C HIS A 121 -5.63 -11.53 4.81
N LEU A 122 -5.41 -10.28 4.41
CA LEU A 122 -4.52 -9.96 3.29
C LEU A 122 -3.14 -10.52 3.62
N SER A 123 -2.65 -10.19 4.81
CA SER A 123 -1.34 -10.66 5.25
C SER A 123 -1.20 -12.18 5.15
N GLN A 124 -2.26 -12.89 5.57
CA GLN A 124 -2.26 -14.35 5.52
C GLN A 124 -2.18 -14.89 4.09
N GLU A 125 -2.78 -14.16 3.15
CA GLU A 125 -2.76 -14.58 1.76
C GLU A 125 -1.34 -14.81 1.28
N PHE A 126 -0.41 -14.02 1.81
CA PHE A 126 0.99 -14.16 1.43
C PHE A 126 1.45 -15.58 1.75
N GLY A 127 0.87 -16.15 2.81
CA GLY A 127 1.22 -17.49 3.21
C GLY A 127 0.47 -18.53 2.40
N TRP A 128 -0.84 -18.41 2.35
CA TRP A 128 -1.65 -19.37 1.62
C TRP A 128 -1.17 -19.48 0.19
N LEU A 129 -0.82 -18.35 -0.42
CA LEU A 129 -0.37 -18.35 -1.80
C LEU A 129 1.13 -18.54 -1.95
N GLN A 130 1.82 -18.73 -0.84
CA GLN A 130 3.27 -18.92 -0.85
C GLN A 130 3.94 -17.89 -1.77
N ILE A 131 3.63 -16.62 -1.53
CA ILE A 131 4.19 -15.56 -2.34
C ILE A 131 5.70 -15.46 -2.16
N THR A 132 6.43 -15.41 -3.26
CA THR A 132 7.89 -15.30 -3.18
C THR A 132 8.27 -13.83 -3.04
N PRO A 133 9.46 -13.56 -2.48
CA PRO A 133 9.90 -12.18 -2.31
C PRO A 133 9.92 -11.43 -3.64
N GLN A 134 10.26 -12.13 -4.72
CA GLN A 134 10.28 -11.49 -6.04
C GLN A 134 8.88 -11.04 -6.45
N GLU A 135 7.89 -11.90 -6.22
CA GLU A 135 6.51 -11.58 -6.58
C GLU A 135 5.99 -10.42 -5.74
N PHE A 136 6.37 -10.40 -4.46
CA PHE A 136 5.95 -9.31 -3.58
C PHE A 136 6.48 -7.98 -4.09
N LEU A 137 7.76 -7.97 -4.48
CA LEU A 137 8.36 -6.74 -4.96
C LEU A 137 7.70 -6.23 -6.24
N CYS A 138 7.52 -7.11 -7.23
CA CYS A 138 6.90 -6.68 -8.49
C CYS A 138 5.43 -6.30 -8.30
N MET A 139 4.72 -7.03 -7.46
CA MET A 139 3.32 -6.71 -7.20
C MET A 139 3.19 -5.35 -6.54
N LYS A 140 4.08 -5.07 -5.59
CA LYS A 140 4.05 -3.78 -4.89
C LYS A 140 4.37 -2.63 -5.83
N ALA A 141 5.29 -2.84 -6.76
CA ALA A 141 5.64 -1.81 -7.71
C ALA A 141 4.38 -1.54 -8.51
N LEU A 142 3.60 -2.58 -8.79
CA LEU A 142 2.37 -2.42 -9.58
C LEU A 142 1.28 -1.62 -8.89
N LEU A 143 1.21 -1.70 -7.57
CA LEU A 143 0.20 -0.95 -6.83
C LEU A 143 0.41 0.55 -7.03
N LEU A 144 1.63 0.97 -7.32
CA LEU A 144 1.90 2.39 -7.57
C LEU A 144 1.19 2.83 -8.84
N PHE A 145 0.96 1.89 -9.75
CA PHE A 145 0.31 2.20 -11.03
C PHE A 145 -1.10 1.64 -11.09
N SER A 146 -1.76 1.53 -9.95
CA SER A 146 -3.08 0.93 -9.91
C SER A 146 -4.26 1.82 -9.59
N ILE A 147 -4.05 3.14 -9.56
CA ILE A 147 -5.15 4.04 -9.25
C ILE A 147 -4.90 5.41 -9.88
N ILE A 148 -5.82 5.82 -10.74
CA ILE A 148 -5.69 7.09 -11.44
C ILE A 148 -7.04 7.81 -11.59
N PRO A 149 -7.02 9.09 -11.98
CA PRO A 149 -8.25 9.85 -12.15
C PRO A 149 -9.05 9.36 -13.36
N VAL A 150 -10.36 9.43 -13.27
CA VAL A 150 -11.21 8.99 -14.35
C VAL A 150 -10.91 9.78 -15.63
N ASP A 151 -10.59 11.05 -15.47
CA ASP A 151 -10.28 11.89 -16.62
C ASP A 151 -8.80 11.84 -17.01
N GLY A 152 -8.18 10.69 -16.78
CA GLY A 152 -6.78 10.50 -17.13
C GLY A 152 -5.74 11.44 -16.53
N LEU A 153 -4.48 11.06 -16.69
CA LEU A 153 -3.35 11.84 -16.18
C LEU A 153 -2.85 12.82 -17.23
N LYS A 154 -1.93 13.69 -16.84
CA LYS A 154 -1.36 14.67 -17.77
C LYS A 154 -0.83 13.95 -19.01
N ASN A 155 -0.22 12.78 -18.80
CA ASN A 155 0.32 11.97 -19.88
C ASN A 155 -0.08 10.51 -19.71
N GLN A 156 -1.34 10.20 -19.99
CA GLN A 156 -1.85 8.83 -19.85
C GLN A 156 -1.09 7.83 -20.71
N LYS A 157 -0.74 8.23 -21.92
CA LYS A 157 -0.03 7.34 -22.85
C LYS A 157 1.19 6.71 -22.20
N PHE A 158 2.08 7.56 -21.71
CA PHE A 158 3.29 7.08 -21.08
C PHE A 158 2.96 6.25 -19.85
N PHE A 159 1.93 6.65 -19.12
CA PHE A 159 1.55 5.89 -17.94
C PHE A 159 1.10 4.49 -18.33
N ASP A 160 0.21 4.40 -19.32
CA ASP A 160 -0.29 3.10 -19.76
C ASP A 160 0.85 2.21 -20.27
N GLU A 161 1.84 2.84 -20.90
CA GLU A 161 3.00 2.13 -21.42
C GLU A 161 3.87 1.61 -20.27
N LEU A 162 4.12 2.46 -19.30
CA LEU A 162 4.94 2.07 -18.16
C LEU A 162 4.27 0.98 -17.34
N ARG A 163 2.98 1.14 -17.10
CA ARG A 163 2.22 0.16 -16.33
C ARG A 163 2.23 -1.19 -17.04
N MET A 164 2.17 -1.16 -18.37
CA MET A 164 2.19 -2.39 -19.14
C MET A 164 3.52 -3.10 -18.89
N ASN A 165 4.61 -2.35 -19.02
CA ASN A 165 5.94 -2.92 -18.83
C ASN A 165 6.12 -3.54 -17.44
N TYR A 166 5.49 -2.96 -16.42
CA TYR A 166 5.61 -3.51 -15.07
C TYR A 166 4.82 -4.82 -15.00
N ILE A 167 3.71 -4.87 -15.73
CA ILE A 167 2.93 -6.09 -15.74
C ILE A 167 3.73 -7.17 -16.49
N LYS A 168 4.49 -6.74 -17.49
CA LYS A 168 5.31 -7.66 -18.24
C LYS A 168 6.37 -8.24 -17.31
N GLU A 169 6.99 -7.38 -16.51
CA GLU A 169 8.01 -7.84 -15.57
C GLU A 169 7.42 -8.91 -14.67
N LEU A 170 6.21 -8.65 -14.17
CA LEU A 170 5.54 -9.59 -13.30
C LEU A 170 5.40 -10.94 -14.02
N ASP A 171 5.25 -10.89 -15.34
CA ASP A 171 5.13 -12.11 -16.13
C ASP A 171 6.45 -12.87 -16.08
N ARG A 172 7.54 -12.19 -16.39
CA ARG A 172 8.85 -12.81 -16.36
C ARG A 172 9.05 -13.53 -15.04
N ILE A 173 8.80 -12.81 -13.95
CA ILE A 173 8.96 -13.36 -12.60
C ILE A 173 8.11 -14.62 -12.42
N ILE A 174 6.91 -14.62 -12.98
CA ILE A 174 6.03 -15.78 -12.88
C ILE A 174 6.55 -16.91 -13.76
N ALA A 175 6.93 -16.56 -14.99
CA ALA A 175 7.44 -17.54 -15.95
C ALA A 175 8.84 -18.06 -15.63
N CYS A 176 9.53 -17.42 -14.69
CA CYS A 176 10.87 -17.86 -14.34
C CYS A 176 10.87 -18.75 -13.09
N LYS A 177 10.16 -19.87 -13.19
CA LYS A 177 10.06 -20.85 -12.11
C LYS A 177 9.10 -21.97 -12.50
N ARG A 178 7.87 -21.61 -12.84
CA ARG A 178 6.85 -22.58 -13.23
C ARG A 178 7.32 -23.44 -14.41
N LYS A 179 7.40 -24.74 -14.19
CA LYS A 179 7.82 -25.68 -15.22
C LYS A 179 6.77 -25.78 -16.34
N ASN A 180 5.54 -26.12 -15.96
CA ASN A 180 4.43 -26.26 -16.92
C ASN A 180 3.76 -24.92 -17.24
N PRO A 181 2.98 -24.87 -18.34
CA PRO A 181 2.28 -23.66 -18.77
C PRO A 181 0.96 -23.35 -18.05
N THR A 182 0.28 -24.39 -17.60
CA THR A 182 -0.99 -24.23 -16.89
C THR A 182 -0.82 -23.60 -15.52
N SER A 183 0.39 -23.68 -14.98
CA SER A 183 0.67 -23.11 -13.66
C SER A 183 0.89 -21.60 -13.73
N CYS A 184 1.54 -21.13 -14.80
CA CYS A 184 1.79 -19.70 -14.96
C CYS A 184 0.48 -18.93 -15.10
N SER A 185 -0.37 -19.40 -15.99
CA SER A 185 -1.66 -18.78 -16.23
C SER A 185 -2.40 -18.74 -14.89
N ARG A 186 -2.30 -19.84 -14.15
CA ARG A 186 -2.96 -19.95 -12.85
C ARG A 186 -2.36 -18.99 -11.86
N ARG A 187 -1.03 -18.88 -11.85
CA ARG A 187 -0.36 -17.99 -10.92
C ARG A 187 -0.75 -16.54 -11.20
N PHE A 188 -0.66 -16.15 -12.47
CA PHE A 188 -1.01 -14.79 -12.85
C PHE A 188 -2.40 -14.46 -12.35
N TYR A 189 -3.30 -15.43 -12.47
CA TYR A 189 -4.67 -15.24 -12.02
C TYR A 189 -4.71 -15.02 -10.52
N GLN A 190 -3.95 -15.83 -9.78
CA GLN A 190 -3.91 -15.71 -8.33
C GLN A 190 -3.34 -14.36 -7.88
N LEU A 191 -2.22 -13.96 -8.46
CA LEU A 191 -1.57 -12.70 -8.10
C LEU A 191 -2.40 -11.47 -8.47
N THR A 192 -3.07 -11.49 -9.62
CA THR A 192 -3.88 -10.36 -10.03
C THR A 192 -5.11 -10.25 -9.13
N LYS A 193 -5.58 -11.39 -8.63
CA LYS A 193 -6.72 -11.41 -7.72
C LYS A 193 -6.24 -10.81 -6.40
N LEU A 194 -5.05 -11.22 -5.96
CA LEU A 194 -4.48 -10.70 -4.73
C LEU A 194 -4.34 -9.18 -4.84
N LEU A 195 -3.73 -8.71 -5.93
CA LEU A 195 -3.56 -7.27 -6.14
C LEU A 195 -4.88 -6.51 -6.05
N ASP A 196 -5.92 -7.03 -6.70
CA ASP A 196 -7.23 -6.39 -6.69
C ASP A 196 -7.78 -6.30 -5.28
N SER A 197 -7.61 -7.38 -4.53
CA SER A 197 -8.11 -7.46 -3.16
C SER A 197 -7.55 -6.35 -2.26
N VAL A 198 -6.46 -5.73 -2.70
CA VAL A 198 -5.90 -4.66 -1.88
C VAL A 198 -6.77 -3.42 -1.94
N GLN A 199 -7.32 -3.15 -3.11
CA GLN A 199 -8.13 -1.95 -3.32
C GLN A 199 -9.30 -1.76 -2.35
N PRO A 200 -10.15 -2.78 -2.17
CA PRO A 200 -11.28 -2.62 -1.24
C PRO A 200 -10.85 -2.23 0.18
N ILE A 201 -9.72 -2.80 0.61
CA ILE A 201 -9.20 -2.53 1.94
C ILE A 201 -8.74 -1.08 2.02
N ALA A 202 -8.02 -0.64 1.00
CA ALA A 202 -7.54 0.74 0.92
C ALA A 202 -8.71 1.71 0.91
N ARG A 203 -9.77 1.36 0.19
CA ARG A 203 -10.92 2.25 0.12
C ARG A 203 -11.54 2.42 1.48
N GLU A 204 -11.59 1.35 2.26
CA GLU A 204 -12.18 1.43 3.59
C GLU A 204 -11.34 2.32 4.48
N LEU A 205 -10.01 2.18 4.38
CA LEU A 205 -9.12 2.99 5.21
C LEU A 205 -9.20 4.44 4.77
N HIS A 206 -9.44 4.65 3.48
CA HIS A 206 -9.57 6.00 2.95
C HIS A 206 -10.76 6.66 3.62
N GLN A 207 -11.89 5.96 3.64
CA GLN A 207 -13.10 6.46 4.26
C GLN A 207 -12.85 6.74 5.74
N PHE A 208 -12.25 5.78 6.43
CA PHE A 208 -11.95 5.92 7.84
C PHE A 208 -11.06 7.12 8.18
N THR A 209 -9.91 7.23 7.52
CA THR A 209 -9.03 8.35 7.82
C THR A 209 -9.66 9.69 7.45
N PHE A 210 -10.41 9.73 6.34
CA PHE A 210 -11.07 10.98 5.94
C PHE A 210 -12.00 11.46 7.04
N ASP A 211 -12.88 10.57 7.48
CA ASP A 211 -13.85 10.88 8.52
C ASP A 211 -13.11 11.23 9.81
N LEU A 212 -11.95 10.60 10.00
CA LEU A 212 -11.16 10.86 11.20
C LEU A 212 -10.52 12.25 11.17
N LEU A 213 -10.07 12.68 10.00
CA LEU A 213 -9.46 13.99 9.87
C LEU A 213 -10.50 15.07 10.16
N ILE A 214 -11.72 14.87 9.67
CA ILE A 214 -12.80 15.82 9.88
C ILE A 214 -13.05 16.07 11.36
N LYS A 215 -13.13 14.99 12.15
CA LYS A 215 -13.38 15.14 13.58
C LYS A 215 -12.12 14.94 14.43
N SER A 216 -10.96 15.15 13.82
CA SER A 216 -9.68 15.01 14.49
C SER A 216 -9.58 15.88 15.74
N HIS A 217 -10.03 17.12 15.66
CA HIS A 217 -9.96 18.04 16.79
C HIS A 217 -10.85 17.61 17.95
N MET A 218 -11.98 16.98 17.67
CA MET A 218 -12.87 16.54 18.74
C MET A 218 -12.43 15.26 19.44
N VAL A 219 -11.68 14.40 18.75
CA VAL A 219 -11.23 13.16 19.35
C VAL A 219 -9.74 13.21 19.70
N SER A 220 -9.15 14.38 19.64
CA SER A 220 -7.74 14.57 19.97
C SER A 220 -6.76 13.69 19.19
N VAL A 221 -6.92 13.63 17.87
CA VAL A 221 -6.00 12.85 17.06
C VAL A 221 -5.20 13.80 16.18
N ASP A 222 -3.88 13.69 16.25
CA ASP A 222 -3.00 14.56 15.47
C ASP A 222 -2.72 14.01 14.07
N PHE A 223 -2.72 14.90 13.09
CA PHE A 223 -2.43 14.53 11.70
C PHE A 223 -1.25 15.38 11.24
N PRO A 224 -0.14 14.75 10.87
CA PRO A 224 1.00 15.56 10.41
C PRO A 224 0.61 16.38 9.18
N GLU A 225 1.44 17.35 8.84
CA GLU A 225 1.21 18.24 7.70
C GLU A 225 0.88 17.54 6.37
N MET A 226 1.81 16.73 5.87
CA MET A 226 1.62 16.03 4.60
C MET A 226 0.35 15.17 4.58
N MET A 227 0.14 14.40 5.64
CA MET A 227 -1.02 13.53 5.74
C MET A 227 -2.32 14.34 5.71
N ALA A 228 -2.35 15.42 6.47
CA ALA A 228 -3.54 16.26 6.54
C ALA A 228 -3.92 16.89 5.19
N GLU A 229 -2.92 17.34 4.43
CA GLU A 229 -3.19 17.96 3.14
C GLU A 229 -3.63 16.93 2.10
N ILE A 230 -2.96 15.78 2.07
CA ILE A 230 -3.30 14.74 1.11
C ILE A 230 -4.67 14.13 1.38
N ILE A 231 -5.01 14.00 2.65
CA ILE A 231 -6.27 13.40 3.02
C ILE A 231 -7.45 14.34 2.84
N SER A 232 -7.17 15.64 2.76
CA SER A 232 -8.24 16.61 2.57
C SER A 232 -8.29 17.06 1.12
N VAL A 233 -7.20 16.86 0.39
CA VAL A 233 -7.17 17.27 -1.01
C VAL A 233 -7.25 16.09 -1.99
N GLN A 234 -6.52 15.00 -1.71
CA GLN A 234 -6.48 13.84 -2.60
C GLN A 234 -7.47 12.72 -2.30
N VAL A 235 -7.53 12.29 -1.05
CA VAL A 235 -8.44 11.21 -0.69
C VAL A 235 -9.87 11.51 -1.13
N PRO A 236 -10.35 12.74 -0.91
CA PRO A 236 -11.72 13.06 -1.32
C PRO A 236 -12.01 12.83 -2.81
N LYS A 237 -10.99 12.93 -3.65
CA LYS A 237 -11.20 12.71 -5.08
C LYS A 237 -11.47 11.24 -5.30
N ILE A 238 -10.94 10.41 -4.41
CA ILE A 238 -11.14 8.97 -4.49
C ILE A 238 -12.51 8.63 -3.94
N LEU A 239 -12.83 9.20 -2.78
CA LEU A 239 -14.10 8.94 -2.16
C LEU A 239 -15.29 9.45 -2.97
N SER A 240 -15.09 10.48 -3.78
CA SER A 240 -16.18 11.01 -4.59
C SER A 240 -16.22 10.37 -5.97
N GLY A 241 -15.36 9.38 -6.19
CA GLY A 241 -15.35 8.68 -7.47
C GLY A 241 -14.62 9.35 -8.62
N LYS A 242 -13.90 10.43 -8.36
CA LYS A 242 -13.17 11.13 -9.43
C LYS A 242 -11.86 10.43 -9.77
N VAL A 243 -11.34 9.67 -8.81
CA VAL A 243 -10.12 8.90 -8.94
C VAL A 243 -10.53 7.46 -8.60
N LYS A 244 -10.19 6.52 -9.47
CA LYS A 244 -10.57 5.13 -9.26
C LYS A 244 -9.42 4.16 -9.45
N PRO A 245 -9.51 2.99 -8.80
CA PRO A 245 -8.48 1.95 -8.88
C PRO A 245 -8.57 1.20 -10.21
N ILE A 246 -7.47 0.58 -10.63
CA ILE A 246 -7.47 -0.18 -11.86
C ILE A 246 -7.51 -1.65 -11.49
N TYR A 247 -8.68 -2.27 -11.69
CA TYR A 247 -8.87 -3.68 -11.38
C TYR A 247 -8.55 -4.54 -12.58
N PHE A 248 -8.05 -5.74 -12.32
CA PHE A 248 -7.78 -6.65 -13.42
C PHE A 248 -9.09 -7.35 -13.72
N HIS A 249 -9.81 -7.71 -12.66
CA HIS A 249 -11.09 -8.42 -12.79
C HIS A 249 -12.32 -7.60 -12.43
N THR A 250 -13.49 -8.20 -12.67
CA THR A 250 -14.76 -7.56 -12.37
C THR A 250 -15.02 -7.58 -10.87
C1 DHT B . 0.67 3.43 8.17
C2 DHT B . 1.76 2.64 7.44
C3 DHT B . 1.35 1.15 7.53
O3 DHT B . 2.18 0.36 7.93
C4 DHT B . -0.05 0.78 7.13
C5 DHT B . -1.10 1.62 7.92
C6 DHT B . -2.58 1.27 7.52
C7 DHT B . -3.56 2.11 8.35
C8 DHT B . -3.31 3.66 8.18
C9 DHT B . -1.83 3.98 8.57
C10 DHT B . -0.79 3.17 7.72
C11 DHT B . -1.63 5.54 8.43
C12 DHT B . -2.60 6.42 9.21
C13 DHT B . -4.08 6.05 8.96
C14 DHT B . -4.26 4.49 9.08
C15 DHT B . -5.77 4.33 8.87
C16 DHT B . -6.32 5.45 9.78
C17 DHT B . -5.12 6.43 10.00
O17 DHT B . -5.59 7.78 9.88
C18 DHT B . -4.49 6.59 7.53
C19 DHT B . -0.93 3.57 6.19
C1 4HY C . 11.08 14.99 -2.03
C2 4HY C . 5.94 15.56 -0.88
C3 4HY C . 10.42 14.43 -0.87
C4 4HY C . 5.51 14.82 -1.96
C5 4HY C . 9.11 14.83 -0.54
C6 4HY C . 4.40 14.04 -1.87
C7 4HY C . 8.40 15.77 -1.34
C8 4HY C . 3.67 13.96 -0.66
C9 4HY C . 9.07 16.30 -2.49
C10 4HY C . 4.08 14.72 0.47
C11 4HY C . 10.42 15.89 -2.82
C12 4HY C . 5.24 15.52 0.35
C13 4HY C . 12.48 14.61 -2.35
C14 4HY C . 12.67 13.15 -2.90
I1 4HY C . 8.20 13.95 1.15
I2 4HY C . 3.76 13.01 -3.52
I3 4HY C . 8.04 17.67 -3.71
O3 4HY C . 12.77 12.23 -2.06
O2 4HY C . 7.12 16.29 -1.04
O1 4HY C . 2.57 13.11 -0.60
O4 4HY C . 12.72 13.01 -4.14
C1 4HY D . 13.33 -2.94 -17.81
C2 4HY D . 10.58 1.25 -19.34
C3 4HY D . 13.37 -2.39 -19.15
C4 4HY D . 11.63 1.92 -18.71
C5 4HY D . 12.39 -1.48 -19.55
C6 4HY D . 11.92 3.24 -18.98
C7 4HY D . 11.34 -1.08 -18.70
C8 4HY D . 11.11 3.95 -19.93
C9 4HY D . 11.30 -1.64 -17.40
C10 4HY D . 10.05 3.29 -20.58
C11 4HY D . 12.32 -2.58 -16.95
C12 4HY D . 9.78 1.93 -20.29
C13 4HY D . 14.41 -3.86 -17.34
C14 4HY D . 14.49 -5.25 -18.09
I1 4HY D . 12.45 -0.70 -21.50
I2 4HY D . 13.56 4.14 -18.05
I3 4HY D . 9.68 -1.11 -16.16
O3 4HY D . 13.80 -6.19 -17.62
O2 4HY D . 10.35 -0.12 -19.04
O1 4HY D . 11.39 5.31 -20.18
O4 4HY D . 15.24 -5.31 -19.08
#